data_5IV1
#
_entry.id   5IV1
#
_entity_poly.entity_id   1
_entity_poly.type   'polydeoxyribonucleotide'
_entity_poly.pdbx_seq_one_letter_code
;(DC)(DG)(DC)(8OG)(DA)(DA)(DT)(DT)(DC)(DG)(DC)(DG)
;
_entity_poly.pdbx_strand_id   A,B
#